data_1PZP
#
_entry.id   1PZP
#
_cell.length_a   41.553
_cell.length_b   60.673
_cell.length_c   89.092
_cell.angle_alpha   90.00
_cell.angle_beta   90.00
_cell.angle_gamma   90.00
#
_symmetry.space_group_name_H-M   'P 21 21 21'
#
loop_
_entity.id
_entity.type
_entity.pdbx_description
1 polymer 'Beta-lactamase TEM'
2 non-polymer 3-(4-PHENYLAMINO-PHENYLAMINO)-2-(1H-TETRAZOL-5-YL)-ACRYLONITRILE
3 water water
#
_entity_poly.entity_id   1
_entity_poly.type   'polypeptide(L)'
_entity_poly.pdbx_seq_one_letter_code
;HPETLVKVKDAEDQLGARVGYIELDLNSGKILESFRPEERFPMMSTFKVLLCGAVLSRVDAGQEQLGRRIHYSQRDLVEY
SPVTEKHLTDGMTVRELCSAAITMSDNTAANLLLTTIGGPKELTAFLHNMGDHVTRLDRWEPELNEAIPNDERDTTMPAA
MATTLRKLLTGELLTLASRQQLIDWMEADKVAGPLLRSALPAGWFIADKSGAGERGSRGIIAALGPDGKPSRIVVIYTTG
SQATMDERNRQIAEIGASLIKHW
;
_entity_poly.pdbx_strand_id   A
#
loop_
_chem_comp.id
_chem_comp.type
_chem_comp.name
_chem_comp.formula
FTA non-polymer 3-(4-PHENYLAMINO-PHENYLAMINO)-2-(1H-TETRAZOL-5-YL)-ACRYLONITRILE 'C16 H13 N7'
#
# COMPACT_ATOMS: atom_id res chain seq x y z
N HIS A 1 -7.95 -5.10 -19.77
CA HIS A 1 -7.98 -5.47 -21.23
C HIS A 1 -6.92 -6.57 -21.40
N PRO A 2 -7.16 -7.62 -22.18
CA PRO A 2 -6.18 -8.69 -22.24
C PRO A 2 -4.81 -8.27 -22.73
N GLU A 3 -4.70 -7.16 -23.49
CA GLU A 3 -3.35 -6.75 -23.87
C GLU A 3 -2.53 -6.36 -22.64
N THR A 4 -3.20 -5.93 -21.58
CA THR A 4 -2.44 -5.62 -20.35
C THR A 4 -2.00 -6.92 -19.65
N LEU A 5 -2.82 -7.98 -19.74
CA LEU A 5 -2.40 -9.30 -19.24
C LEU A 5 -1.19 -9.82 -20.03
N VAL A 6 -1.12 -9.53 -21.34
CA VAL A 6 0.11 -9.85 -22.10
C VAL A 6 1.36 -9.21 -21.47
N LYS A 7 1.23 -7.94 -21.14
CA LYS A 7 2.37 -7.27 -20.49
C LYS A 7 2.66 -7.86 -19.13
N VAL A 8 1.60 -8.23 -18.37
CA VAL A 8 1.84 -8.90 -17.11
C VAL A 8 2.61 -10.18 -17.29
N LYS A 9 2.26 -10.99 -18.30
CA LYS A 9 3.00 -12.23 -18.54
C LYS A 9 4.40 -11.93 -19.06
N ASP A 10 4.54 -10.88 -19.88
CA ASP A 10 5.86 -10.42 -20.33
C ASP A 10 6.74 -10.12 -19.10
N ALA A 11 6.14 -9.45 -18.13
CA ALA A 11 6.87 -9.12 -16.92
C ALA A 11 7.32 -10.38 -16.17
N GLU A 12 6.46 -11.38 -16.03
CA GLU A 12 6.87 -12.63 -15.44
C GLU A 12 8.06 -13.27 -16.17
N ASP A 13 8.01 -13.33 -17.50
CA ASP A 13 9.14 -13.85 -18.30
C ASP A 13 10.42 -13.10 -18.02
N GLN A 14 10.35 -11.78 -18.13
CA GLN A 14 11.57 -10.97 -18.08
C GLN A 14 12.17 -10.82 -16.71
N LEU A 15 11.30 -10.88 -15.69
CA LEU A 15 11.71 -10.69 -14.31
C LEU A 15 12.08 -12.04 -13.72
N GLY A 16 11.63 -13.12 -14.34
CA GLY A 16 11.77 -14.43 -13.74
C GLY A 16 11.05 -14.49 -12.39
N ALA A 17 9.82 -13.98 -12.35
CA ALA A 17 9.09 -14.02 -11.07
C ALA A 17 7.58 -14.02 -11.24
N ARG A 18 6.86 -14.26 -10.15
CA ARG A 18 5.40 -14.22 -10.13
C ARG A 18 4.96 -12.76 -9.96
N VAL A 19 3.95 -12.39 -10.74
CA VAL A 19 3.34 -11.08 -10.65
C VAL A 19 1.86 -11.33 -10.40
N GLY A 20 1.33 -10.63 -9.42
CA GLY A 20 -0.11 -10.60 -9.14
C GLY A 20 -0.65 -9.23 -9.49
N TYR A 21 -1.80 -9.17 -10.17
CA TYR A 21 -2.28 -7.92 -10.72
C TYR A 21 -3.82 -7.83 -10.65
N ILE A 22 -4.39 -6.71 -10.28
CA ILE A 22 -5.83 -6.49 -10.33
C ILE A 22 -6.10 -5.08 -10.81
N GLU A 23 -7.14 -4.92 -11.65
CA GLU A 23 -7.78 -3.63 -11.85
C GLU A 23 -9.20 -3.75 -11.36
N LEU A 24 -9.64 -2.81 -10.55
CA LEU A 24 -10.95 -2.86 -9.93
C LEU A 24 -11.66 -1.58 -10.22
N ASP A 25 -12.91 -1.67 -10.65
CA ASP A 25 -13.66 -0.45 -10.86
C ASP A 25 -13.95 0.16 -9.50
N LEU A 26 -13.65 1.42 -9.26
CA LEU A 26 -13.75 2.04 -7.97
C LEU A 26 -15.18 2.18 -7.53
N ASN A 27 -16.06 2.41 -8.48
CA ASN A 27 -17.45 2.61 -8.11
C ASN A 27 -18.13 1.30 -7.74
N SER A 28 -18.10 0.33 -8.63
CA SER A 28 -18.77 -0.96 -8.42
C SER A 28 -17.98 -2.09 -7.78
N GLY A 29 -16.65 -2.00 -7.77
CA GLY A 29 -15.86 -3.14 -7.31
C GLY A 29 -15.68 -4.29 -8.30
N LYS A 30 -16.27 -4.17 -9.49
CA LYS A 30 -16.10 -5.20 -10.50
C LYS A 30 -14.62 -5.39 -10.80
N ILE A 31 -14.17 -6.64 -10.88
CA ILE A 31 -12.82 -6.92 -11.32
C ILE A 31 -12.81 -6.67 -12.81
N LEU A 32 -12.05 -5.68 -13.26
CA LEU A 32 -11.87 -5.47 -14.71
C LEU A 32 -10.84 -6.40 -15.33
N GLU A 33 -9.77 -6.69 -14.57
CA GLU A 33 -8.74 -7.51 -15.06
C GLU A 33 -8.02 -8.13 -13.83
N SER A 34 -7.57 -9.38 -13.99
CA SER A 34 -6.86 -10.03 -12.90
C SER A 34 -5.83 -11.03 -13.34
N PHE A 35 -4.80 -11.19 -12.53
CA PHE A 35 -3.78 -12.17 -12.81
C PHE A 35 -3.26 -12.65 -11.45
N ARG A 36 -3.36 -13.95 -11.18
CA ARG A 36 -3.06 -14.50 -9.84
C ARG A 36 -3.81 -13.75 -8.73
N PRO A 37 -5.09 -13.49 -8.90
CA PRO A 37 -5.84 -12.68 -7.93
C PRO A 37 -5.85 -13.22 -6.51
N GLU A 38 -5.82 -14.54 -6.37
CA GLU A 38 -5.95 -15.19 -5.06
C GLU A 38 -4.68 -15.96 -4.65
N GLU A 39 -3.54 -15.57 -5.23
CA GLU A 39 -2.25 -16.01 -4.67
C GLU A 39 -1.73 -14.97 -3.67
N ARG A 40 -0.84 -15.40 -2.77
CA ARG A 40 -0.29 -14.57 -1.72
C ARG A 40 1.01 -13.97 -2.07
N PHE A 41 1.11 -12.70 -1.68
CA PHE A 41 2.32 -11.95 -1.86
C PHE A 41 2.58 -11.10 -0.59
N PRO A 42 3.85 -10.89 -0.24
CA PRO A 42 4.18 -9.99 0.89
C PRO A 42 3.61 -8.56 0.62
N MET A 43 3.03 -7.97 1.63
CA MET A 43 2.54 -6.60 1.46
C MET A 43 3.66 -5.59 1.49
N MET A 44 4.69 -5.84 2.28
CA MET A 44 5.71 -4.82 2.47
C MET A 44 5.07 -3.51 2.93
N SER A 45 5.62 -2.36 2.54
CA SER A 45 5.11 -1.09 3.10
C SER A 45 3.70 -0.76 2.58
N THR A 46 3.16 -1.50 1.58
CA THR A 46 1.74 -1.24 1.22
C THR A 46 0.82 -1.45 2.44
N PHE A 47 1.23 -2.22 3.46
CA PHE A 47 0.36 -2.37 4.65
C PHE A 47 0.12 -1.06 5.39
N LYS A 48 0.98 -0.08 5.21
CA LYS A 48 0.90 1.16 5.98
C LYS A 48 -0.38 1.93 5.68
N VAL A 49 -0.94 1.75 4.49
CA VAL A 49 -2.29 2.29 4.23
C VAL A 49 -3.37 1.62 5.11
N LEU A 50 -3.32 0.29 5.21
CA LEU A 50 -4.30 -0.43 6.05
C LEU A 50 -4.12 -0.04 7.48
N LEU A 51 -2.87 0.11 7.92
CA LEU A 51 -2.57 0.53 9.28
C LEU A 51 -3.24 1.87 9.58
N CYS A 52 -3.02 2.87 8.73
CA CYS A 52 -3.63 4.17 8.98
C CYS A 52 -5.16 4.16 8.82
N GLY A 53 -5.68 3.27 8.00
CA GLY A 53 -7.14 3.03 7.99
C GLY A 53 -7.62 2.59 9.37
N ALA A 54 -6.92 1.63 10.01
CA ALA A 54 -7.29 1.23 11.36
C ALA A 54 -7.12 2.34 12.39
N VAL A 55 -6.08 3.16 12.25
CA VAL A 55 -5.88 4.33 13.10
C VAL A 55 -7.07 5.31 12.94
N LEU A 56 -7.45 5.60 11.69
CA LEU A 56 -8.58 6.50 11.45
C LEU A 56 -9.88 5.92 11.90
N SER A 57 -10.06 4.61 11.84
CA SER A 57 -11.27 3.98 12.40
C SER A 57 -11.35 4.27 13.90
N ARG A 58 -10.23 4.19 14.60
CA ARG A 58 -10.21 4.52 16.03
C ARG A 58 -10.47 6.01 16.27
N VAL A 59 -10.01 6.91 15.40
CA VAL A 59 -10.25 8.34 15.53
C VAL A 59 -11.76 8.55 15.40
N ASP A 60 -12.37 7.93 14.39
CA ASP A 60 -13.82 8.04 14.15
C ASP A 60 -14.60 7.60 15.38
N ALA A 61 -14.13 6.56 16.08
CA ALA A 61 -14.84 6.00 17.25
C ALA A 61 -14.47 6.72 18.55
N GLY A 62 -13.69 7.79 18.48
CA GLY A 62 -13.27 8.54 19.65
C GLY A 62 -12.22 7.84 20.51
N GLN A 63 -11.57 6.83 19.93
CA GLN A 63 -10.57 6.01 20.63
C GLN A 63 -9.15 6.55 20.43
N GLU A 64 -9.03 7.50 19.53
CA GLU A 64 -7.75 8.07 19.19
C GLU A 64 -7.98 9.52 18.74
N GLN A 65 -6.96 10.33 18.83
CA GLN A 65 -6.97 11.68 18.32
C GLN A 65 -5.78 11.91 17.39
N LEU A 66 -6.04 12.51 16.23
CA LEU A 66 -5.00 12.77 15.29
C LEU A 66 -3.89 13.68 15.83
N GLY A 67 -4.23 14.58 16.77
CA GLY A 67 -3.27 15.49 17.31
C GLY A 67 -2.56 14.99 18.54
N ARG A 68 -2.87 13.77 18.97
CA ARG A 68 -2.15 13.21 20.11
C ARG A 68 -0.66 13.03 19.83
N ARG A 69 0.19 13.48 20.75
CA ARG A 69 1.63 13.44 20.59
C ARG A 69 2.22 12.18 21.15
N ILE A 70 3.03 11.49 20.32
CA ILE A 70 3.71 10.25 20.68
C ILE A 70 5.20 10.49 20.83
N HIS A 71 5.74 10.07 21.97
CA HIS A 71 7.16 10.19 22.18
C HIS A 71 7.82 8.84 22.07
N TYR A 72 9.09 8.84 21.74
CA TYR A 72 9.87 7.63 21.58
C TYR A 72 11.38 7.95 21.71
N SER A 73 12.23 6.93 21.56
CA SER A 73 13.63 7.05 21.93
C SER A 73 14.52 6.47 20.87
N GLN A 74 15.82 6.68 21.01
CA GLN A 74 16.80 6.22 20.04
C GLN A 74 16.71 4.71 19.84
N ARG A 75 16.42 3.94 20.88
CA ARG A 75 16.38 2.48 20.72
C ARG A 75 15.13 1.99 19.98
N ASP A 76 14.17 2.90 19.73
CA ASP A 76 12.98 2.53 18.97
C ASP A 76 13.22 2.70 17.48
N LEU A 77 14.24 3.45 17.10
CA LEU A 77 14.48 3.69 15.66
C LEU A 77 14.91 2.41 14.95
N VAL A 78 14.20 2.09 13.89
CA VAL A 78 14.66 1.04 12.98
C VAL A 78 15.15 1.65 11.69
N GLU A 79 15.70 0.77 10.84
CA GLU A 79 16.10 1.12 9.50
C GLU A 79 15.04 1.95 8.75
N TYR A 80 15.52 2.97 8.07
CA TYR A 80 14.73 3.84 7.22
C TYR A 80 13.58 4.54 7.89
N SER A 81 13.95 5.57 8.62
CA SER A 81 13.04 6.36 9.40
C SER A 81 13.41 7.83 9.20
N PRO A 82 13.27 8.32 7.98
CA PRO A 82 13.72 9.67 7.62
C PRO A 82 13.02 10.80 8.33
N VAL A 83 11.77 10.61 8.71
CA VAL A 83 11.07 11.64 9.42
C VAL A 83 11.25 11.42 10.92
N THR A 84 11.05 10.19 11.39
CA THR A 84 11.03 10.03 12.85
C THR A 84 12.40 10.26 13.45
N GLU A 85 13.43 10.08 12.67
CA GLU A 85 14.75 10.19 13.28
C GLU A 85 15.05 11.65 13.61
N LYS A 86 14.23 12.56 13.08
CA LYS A 86 14.37 13.99 13.36
C LYS A 86 13.50 14.55 14.50
N HIS A 87 12.72 13.71 15.19
CA HIS A 87 11.74 14.16 16.22
C HIS A 87 11.81 13.37 17.52
N LEU A 88 12.98 12.82 17.82
CA LEU A 88 13.21 12.18 19.10
C LEU A 88 12.95 13.18 20.23
N THR A 89 13.49 14.39 20.04
CA THR A 89 13.29 15.59 20.88
C THR A 89 11.86 16.11 20.79
N ASP A 90 11.32 16.22 19.58
CA ASP A 90 10.03 16.86 19.35
C ASP A 90 8.85 15.90 19.60
N GLY A 91 9.06 14.60 19.38
CA GLY A 91 7.94 13.66 19.33
C GLY A 91 7.14 13.94 18.05
N MET A 92 6.12 13.13 17.75
CA MET A 92 5.26 13.37 16.58
C MET A 92 3.81 13.10 16.91
N THR A 93 2.86 13.80 16.31
CA THR A 93 1.46 13.47 16.52
C THR A 93 1.03 12.24 15.69
N VAL A 94 -0.11 11.68 16.02
CA VAL A 94 -0.64 10.54 15.23
C VAL A 94 -0.76 10.91 13.75
N ARG A 95 -1.29 12.11 13.47
CA ARG A 95 -1.43 12.57 12.08
C ARG A 95 -0.04 12.68 11.39
N GLU A 96 0.98 13.20 12.06
CA GLU A 96 2.30 13.30 11.46
C GLU A 96 2.88 11.91 11.21
N LEU A 97 2.60 10.96 12.11
CA LEU A 97 3.12 9.62 11.95
C LEU A 97 2.46 8.91 10.73
N CYS A 98 1.16 9.06 10.55
CA CYS A 98 0.53 8.50 9.37
C CYS A 98 1.06 9.17 8.14
N SER A 99 1.23 10.51 8.17
CA SER A 99 1.85 11.15 7.03
C SER A 99 3.24 10.57 6.73
N ALA A 100 4.07 10.35 7.74
CA ALA A 100 5.42 9.85 7.53
C ALA A 100 5.40 8.38 7.02
N ALA A 101 4.49 7.59 7.56
CA ALA A 101 4.40 6.21 7.20
C ALA A 101 3.98 6.06 5.74
N ILE A 102 2.96 6.84 5.37
CA ILE A 102 2.39 6.69 4.02
C ILE A 102 3.22 7.44 2.99
N THR A 103 3.61 8.67 3.30
CA THR A 103 4.24 9.46 2.21
C THR A 103 5.75 9.24 2.10
N MET A 104 6.39 8.84 3.20
CA MET A 104 7.84 8.63 3.22
C MET A 104 8.23 7.22 3.50
N SER A 105 7.25 6.34 3.73
CA SER A 105 7.50 4.94 4.08
C SER A 105 8.34 4.79 5.35
N ASP A 106 8.14 5.72 6.29
CA ASP A 106 8.97 5.72 7.50
C ASP A 106 8.64 4.49 8.40
N ASN A 107 9.64 3.66 8.67
CA ASN A 107 9.41 2.38 9.29
C ASN A 107 9.13 2.56 10.78
N THR A 108 9.82 3.49 11.43
CA THR A 108 9.57 3.68 12.85
C THR A 108 8.18 4.26 13.03
N ALA A 109 7.77 5.17 12.16
CA ALA A 109 6.41 5.67 12.31
C ALA A 109 5.39 4.57 12.25
N ALA A 110 5.57 3.62 11.31
CA ALA A 110 4.70 2.48 11.24
C ALA A 110 4.67 1.65 12.54
N ASN A 111 5.84 1.40 13.11
CA ASN A 111 5.90 0.63 14.32
C ASN A 111 5.24 1.39 15.49
N LEU A 112 5.44 2.72 15.55
CA LEU A 112 4.78 3.50 16.61
C LEU A 112 3.25 3.40 16.47
N LEU A 113 2.78 3.59 15.24
CA LEU A 113 1.35 3.47 14.99
C LEU A 113 0.76 2.06 15.25
N LEU A 114 1.54 1.01 14.89
CA LEU A 114 1.10 -0.35 15.22
C LEU A 114 0.91 -0.50 16.69
N THR A 115 1.79 0.08 17.49
CA THR A 115 1.60 -0.01 18.91
C THR A 115 0.28 0.64 19.30
N THR A 116 -0.04 1.81 18.74
CA THR A 116 -1.25 2.52 19.16
C THR A 116 -2.53 1.69 18.95
N ILE A 117 -2.56 0.80 17.94
CA ILE A 117 -3.78 0.07 17.62
C ILE A 117 -3.83 -1.33 18.19
N GLY A 118 -2.76 -1.74 18.87
CA GLY A 118 -2.74 -3.11 19.39
C GLY A 118 -1.83 -4.11 18.69
N GLY A 119 -1.03 -3.61 17.74
CA GLY A 119 -0.06 -4.43 17.05
C GLY A 119 -0.64 -5.20 15.83
N PRO A 120 0.21 -5.97 15.19
CA PRO A 120 -0.20 -6.76 14.03
C PRO A 120 -1.46 -7.59 14.26
N LYS A 121 -1.65 -8.19 15.42
CA LYS A 121 -2.83 -9.02 15.68
C LYS A 121 -4.09 -8.19 15.54
N GLU A 122 -4.07 -6.92 15.97
CA GLU A 122 -5.29 -6.11 15.94
C GLU A 122 -5.45 -5.54 14.55
N LEU A 123 -4.37 -5.32 13.81
CA LEU A 123 -4.59 -4.91 12.42
C LEU A 123 -5.28 -6.03 11.64
N THR A 124 -4.81 -7.27 11.86
CA THR A 124 -5.43 -8.44 11.25
C THR A 124 -6.89 -8.56 11.67
N ALA A 125 -7.16 -8.36 12.95
CA ALA A 125 -8.55 -8.45 13.37
C ALA A 125 -9.43 -7.37 12.73
N PHE A 126 -8.93 -6.13 12.63
CA PHE A 126 -9.61 -5.04 11.93
C PHE A 126 -9.96 -5.43 10.49
N LEU A 127 -9.00 -6.04 9.79
CA LEU A 127 -9.22 -6.43 8.40
C LEU A 127 -10.26 -7.53 8.32
N HIS A 128 -10.12 -8.53 9.19
CA HIS A 128 -11.10 -9.60 9.19
C HIS A 128 -12.50 -9.02 9.43
N ASN A 129 -12.61 -8.03 10.31
CA ASN A 129 -13.91 -7.50 10.73
C ASN A 129 -14.53 -6.67 9.61
N MET A 130 -13.73 -6.19 8.64
CA MET A 130 -14.29 -5.52 7.45
C MET A 130 -14.43 -6.44 6.21
N GLY A 131 -14.29 -7.75 6.41
CA GLY A 131 -14.57 -8.67 5.34
C GLY A 131 -13.38 -9.17 4.54
N ASP A 132 -12.18 -8.74 4.96
CA ASP A 132 -10.97 -9.29 4.39
C ASP A 132 -10.45 -10.41 5.26
N HIS A 133 -10.70 -11.64 4.84
CA HIS A 133 -10.40 -12.79 5.66
C HIS A 133 -9.05 -13.39 5.36
N VAL A 134 -8.29 -12.77 4.46
CA VAL A 134 -6.99 -13.34 4.09
C VAL A 134 -5.79 -12.41 4.42
N THR A 135 -5.94 -11.09 4.29
CA THR A 135 -4.80 -10.22 4.57
C THR A 135 -4.41 -10.32 6.01
N ARG A 136 -3.11 -10.44 6.24
CA ARG A 136 -2.63 -10.68 7.61
C ARG A 136 -1.31 -9.97 7.88
N LEU A 137 -1.22 -9.27 9.02
CA LEU A 137 0.06 -8.76 9.48
C LEU A 137 0.43 -9.59 10.72
N ASP A 138 1.70 -9.99 10.71
CA ASP A 138 2.25 -10.88 11.75
C ASP A 138 3.41 -10.27 12.49
N ARG A 139 4.18 -9.48 11.79
CA ARG A 139 5.44 -8.95 12.31
C ARG A 139 5.52 -7.45 12.22
N TRP A 140 6.58 -6.90 12.80
CA TRP A 140 6.81 -5.46 12.82
C TRP A 140 7.86 -5.03 11.83
N GLU A 141 8.15 -3.73 11.64
CA GLU A 141 9.23 -3.30 10.76
C GLU A 141 10.55 -3.57 11.48
N PRO A 142 11.58 -4.06 10.80
CA PRO A 142 11.59 -4.36 9.37
C PRO A 142 11.39 -5.83 9.00
N GLU A 143 11.17 -6.74 9.96
CA GLU A 143 11.08 -8.20 9.68
C GLU A 143 9.92 -8.57 8.74
N LEU A 144 8.85 -7.76 8.77
CA LEU A 144 7.67 -8.13 7.97
C LEU A 144 8.01 -8.08 6.47
N ASN A 145 9.18 -7.55 6.07
CA ASN A 145 9.59 -7.52 4.66
C ASN A 145 10.45 -8.71 4.21
N GLU A 146 10.55 -9.70 5.07
CA GLU A 146 11.52 -10.79 4.84
C GLU A 146 11.18 -11.57 3.56
N ALA A 147 9.90 -11.76 3.27
CA ALA A 147 9.48 -12.41 2.02
C ALA A 147 10.10 -13.82 1.85
N ILE A 148 10.07 -14.63 2.90
CA ILE A 148 10.55 -16.01 2.74
C ILE A 148 9.63 -16.71 1.76
N PRO A 149 10.16 -17.44 0.77
CA PRO A 149 9.27 -18.14 -0.16
C PRO A 149 8.28 -19.06 0.56
N ASN A 150 7.01 -18.96 0.18
CA ASN A 150 5.95 -19.76 0.72
C ASN A 150 5.44 -19.40 2.12
N ASP A 151 6.07 -18.40 2.73
CA ASP A 151 5.62 -17.93 4.01
C ASP A 151 4.37 -17.06 3.82
N GLU A 152 3.35 -17.33 4.59
CA GLU A 152 2.09 -16.55 4.53
C GLU A 152 2.07 -15.39 5.51
N ARG A 153 3.07 -15.31 6.37
CA ARG A 153 3.14 -14.11 7.23
C ARG A 153 3.22 -12.82 6.41
N ASP A 154 2.46 -11.84 6.88
CA ASP A 154 2.58 -10.50 6.34
C ASP A 154 2.23 -10.44 4.87
N THR A 155 1.25 -11.24 4.45
CA THR A 155 0.84 -11.28 3.06
C THR A 155 -0.59 -10.82 2.87
N THR A 156 -0.83 -10.47 1.60
CA THR A 156 -2.20 -10.32 1.08
C THR A 156 -2.40 -11.11 -0.19
N MET A 157 -3.60 -11.02 -0.77
CA MET A 157 -3.86 -11.49 -2.13
C MET A 157 -4.24 -10.25 -2.93
N PRO A 158 -3.85 -10.18 -4.21
CA PRO A 158 -4.19 -8.97 -4.98
C PRO A 158 -5.66 -8.62 -4.91
N ALA A 159 -6.57 -9.58 -5.14
CA ALA A 159 -7.96 -9.25 -5.08
C ALA A 159 -8.49 -8.78 -3.74
N ALA A 160 -7.98 -9.39 -2.65
CA ALA A 160 -8.39 -8.96 -1.32
C ALA A 160 -7.90 -7.55 -1.03
N MET A 161 -6.62 -7.28 -1.38
CA MET A 161 -6.12 -5.95 -1.18
C MET A 161 -6.89 -4.91 -1.98
N ALA A 162 -7.18 -5.25 -3.24
CA ALA A 162 -7.97 -4.28 -4.01
C ALA A 162 -9.35 -3.96 -3.39
N THR A 163 -10.06 -5.01 -3.00
CA THR A 163 -11.41 -4.88 -2.35
C THR A 163 -11.27 -4.08 -1.04
N THR A 164 -10.21 -4.38 -0.26
CA THR A 164 -9.98 -3.70 0.99
C THR A 164 -9.69 -2.24 0.80
N LEU A 165 -8.87 -1.90 -0.18
CA LEU A 165 -8.56 -0.49 -0.38
C LEU A 165 -9.81 0.22 -0.88
N ARG A 166 -10.57 -0.41 -1.78
CA ARG A 166 -11.85 0.26 -2.22
C ARG A 166 -12.78 0.57 -1.02
N LYS A 167 -12.93 -0.43 -0.15
CA LYS A 167 -13.74 -0.21 1.06
C LYS A 167 -13.24 0.92 1.93
N LEU A 168 -11.93 1.01 2.17
CA LEU A 168 -11.39 2.09 2.98
C LEU A 168 -11.56 3.44 2.34
N LEU A 169 -11.36 3.54 1.03
CA LEU A 169 -11.38 4.86 0.39
C LEU A 169 -12.84 5.32 0.10
N THR A 170 -13.75 4.38 -0.14
CA THR A 170 -15.05 4.78 -0.66
C THR A 170 -16.25 4.12 -0.02
N GLY A 171 -16.04 3.17 0.89
CA GLY A 171 -17.15 2.55 1.59
C GLY A 171 -17.52 3.34 2.83
N GLU A 172 -18.38 2.76 3.64
CA GLU A 172 -18.84 3.42 4.86
C GLU A 172 -17.99 3.08 6.10
N LEU A 173 -16.92 2.31 5.92
CA LEU A 173 -16.06 1.94 7.03
C LEU A 173 -15.56 3.12 7.79
N LEU A 174 -15.01 4.10 7.08
CA LEU A 174 -14.46 5.30 7.67
C LEU A 174 -15.40 6.47 7.41
N THR A 175 -15.39 7.49 8.27
CA THR A 175 -16.14 8.74 7.98
C THR A 175 -15.63 9.41 6.72
N LEU A 176 -16.43 10.32 6.20
CA LEU A 176 -15.97 11.07 5.03
C LEU A 176 -14.65 11.80 5.29
N ALA A 177 -14.51 12.39 6.48
CA ALA A 177 -13.31 13.08 6.87
C ALA A 177 -12.11 12.09 6.79
N SER A 178 -12.32 10.94 7.38
CA SER A 178 -11.22 9.96 7.43
C SER A 178 -10.89 9.37 6.08
N ARG A 179 -11.92 9.05 5.29
CA ARG A 179 -11.64 8.51 3.97
C ARG A 179 -10.89 9.53 3.09
N GLN A 180 -11.19 10.83 3.24
CA GLN A 180 -10.50 11.87 2.49
C GLN A 180 -9.07 12.04 2.98
N GLN A 181 -8.86 11.97 4.30
CA GLN A 181 -7.52 12.08 4.79
C GLN A 181 -6.65 10.90 4.30
N LEU A 182 -7.26 9.72 4.31
CA LEU A 182 -6.46 8.54 3.92
C LEU A 182 -5.98 8.70 2.46
N ILE A 183 -6.90 9.11 1.56
CA ILE A 183 -6.52 9.26 0.17
C ILE A 183 -5.57 10.45 -0.06
N ASP A 184 -5.72 11.50 0.74
CA ASP A 184 -4.80 12.63 0.70
C ASP A 184 -3.40 12.24 1.07
N TRP A 185 -3.25 11.37 2.09
CA TRP A 185 -1.90 10.93 2.42
C TRP A 185 -1.32 10.14 1.25
N MET A 186 -2.14 9.28 0.66
CA MET A 186 -1.67 8.49 -0.50
C MET A 186 -1.36 9.35 -1.72
N GLU A 187 -2.14 10.43 -1.90
CA GLU A 187 -1.83 11.32 -3.03
C GLU A 187 -0.50 12.00 -2.83
N ALA A 188 -0.08 12.20 -1.58
CA ALA A 188 1.20 12.84 -1.24
C ALA A 188 2.40 11.92 -1.16
N ASP A 189 2.24 10.67 -1.58
CA ASP A 189 3.39 9.76 -1.62
C ASP A 189 4.65 10.35 -2.29
N LYS A 190 5.78 10.32 -1.60
CA LYS A 190 7.05 10.81 -2.15
C LYS A 190 7.90 9.78 -2.81
N VAL A 191 7.61 8.49 -2.60
CA VAL A 191 8.43 7.40 -3.09
C VAL A 191 8.09 7.00 -4.52
N ALA A 192 6.88 6.53 -4.76
CA ALA A 192 6.55 6.08 -6.09
C ALA A 192 5.69 7.10 -6.82
N GLY A 193 4.91 7.82 -6.03
CA GLY A 193 3.91 8.73 -6.59
C GLY A 193 4.43 9.73 -7.61
N PRO A 194 5.53 10.39 -7.35
CA PRO A 194 6.07 11.37 -8.34
C PRO A 194 6.42 10.71 -9.66
N LEU A 195 6.91 9.48 -9.65
CA LEU A 195 7.26 8.78 -10.88
C LEU A 195 6.00 8.40 -11.62
N LEU A 196 4.99 7.86 -10.93
CA LEU A 196 3.72 7.49 -11.58
C LEU A 196 2.97 8.70 -12.13
N ARG A 197 2.89 9.76 -11.35
CA ARG A 197 2.26 11.00 -11.79
C ARG A 197 2.93 11.54 -13.06
N SER A 198 4.26 11.47 -13.13
CA SER A 198 4.98 11.93 -14.33
C SER A 198 4.61 11.11 -15.58
N ALA A 199 4.45 9.81 -15.35
CA ALA A 199 4.20 8.89 -16.44
C ALA A 199 2.76 8.92 -16.97
N LEU A 200 1.82 9.29 -16.09
CA LEU A 200 0.42 9.31 -16.51
C LEU A 200 0.16 10.49 -17.41
N PRO A 201 -0.95 10.47 -18.13
CA PRO A 201 -1.27 11.63 -18.97
C PRO A 201 -1.47 12.87 -18.08
N ALA A 202 -1.31 14.04 -18.72
CA ALA A 202 -1.56 15.27 -18.01
C ALA A 202 -2.89 15.30 -17.29
N GLY A 203 -2.84 15.80 -16.07
CA GLY A 203 -4.06 16.01 -15.31
C GLY A 203 -4.62 14.82 -14.54
N TRP A 204 -4.04 13.65 -14.73
CA TRP A 204 -4.56 12.47 -14.00
C TRP A 204 -4.31 12.57 -12.48
N PHE A 205 -5.23 11.99 -11.75
CA PHE A 205 -5.08 11.75 -10.30
C PHE A 205 -4.38 10.39 -10.11
N ILE A 206 -3.52 10.40 -9.11
CA ILE A 206 -2.99 9.15 -8.59
C ILE A 206 -2.75 9.33 -7.11
N ALA A 207 -3.19 8.30 -6.37
CA ALA A 207 -2.89 8.16 -4.92
C ALA A 207 -2.40 6.72 -4.76
N ASP A 208 -1.27 6.55 -4.08
CA ASP A 208 -0.70 5.21 -4.05
C ASP A 208 0.09 4.94 -2.80
N LYS A 209 0.44 3.66 -2.60
CA LYS A 209 1.53 3.34 -1.65
C LYS A 209 2.26 2.19 -2.29
N SER A 210 3.58 2.30 -2.32
CA SER A 210 4.41 1.23 -2.85
C SER A 210 5.10 0.46 -1.72
N GLY A 211 5.76 -0.66 -2.04
CA GLY A 211 6.63 -1.32 -1.05
C GLY A 211 7.68 -2.13 -1.77
N ALA A 212 8.74 -2.36 -1.04
CA ALA A 212 9.87 -3.17 -1.42
C ALA A 212 10.31 -4.02 -0.25
N GLY A 213 10.71 -5.23 -0.52
CA GLY A 213 11.20 -6.13 0.51
C GLY A 213 12.45 -6.85 -0.01
N GLU A 214 12.61 -7.99 0.83
CA GLU A 214 13.74 -8.83 0.45
C GLU A 214 13.40 -9.65 -0.77
N ARG A 215 14.40 -10.27 -1.37
CA ARG A 215 14.17 -11.23 -2.41
C ARG A 215 13.40 -10.71 -3.62
N GLY A 216 13.66 -9.46 -3.96
CA GLY A 216 13.07 -8.93 -5.17
C GLY A 216 11.63 -8.48 -5.00
N SER A 217 11.08 -8.58 -3.80
CA SER A 217 9.64 -8.29 -3.63
C SER A 217 9.39 -6.81 -3.81
N ARG A 218 8.32 -6.52 -4.56
CA ARG A 218 7.90 -5.17 -4.85
C ARG A 218 6.41 -5.13 -5.01
N GLY A 219 5.84 -3.97 -4.77
CA GLY A 219 4.38 -3.89 -4.96
C GLY A 219 3.94 -2.46 -4.95
N ILE A 220 2.72 -2.27 -5.48
CA ILE A 220 2.07 -0.96 -5.44
C ILE A 220 0.57 -1.16 -5.34
N ILE A 221 -0.07 -0.32 -4.54
CA ILE A 221 -1.54 -0.20 -4.58
C ILE A 221 -1.89 1.24 -4.92
N ALA A 222 -2.95 1.44 -5.70
CA ALA A 222 -3.17 2.76 -6.23
C ALA A 222 -4.65 2.97 -6.54
N ALA A 223 -5.10 4.23 -6.42
CA ALA A 223 -6.39 4.67 -6.95
C ALA A 223 -6.03 5.79 -7.96
N LEU A 224 -6.54 5.65 -9.18
CA LEU A 224 -6.10 6.63 -10.20
C LEU A 224 -7.25 6.89 -11.18
N GLY A 225 -7.18 8.04 -11.90
CA GLY A 225 -8.11 8.22 -13.02
C GLY A 225 -7.84 9.53 -13.68
N PRO A 226 -8.48 9.71 -14.82
CA PRO A 226 -8.29 10.95 -15.57
C PRO A 226 -8.92 12.11 -14.83
N ASP A 227 -8.43 13.45 -15.23
CA ASP A 227 -9.21 14.64 -14.91
C ASP A 227 -9.34 14.79 -13.41
N GLY A 228 -8.35 14.35 -12.65
CA GLY A 228 -8.26 14.78 -11.28
C GLY A 228 -9.12 13.96 -10.36
N LYS A 229 -9.66 12.86 -10.86
CA LYS A 229 -10.58 12.05 -10.07
C LYS A 229 -10.20 10.56 -10.21
N PRO A 230 -10.10 9.83 -9.09
CA PRO A 230 -9.83 8.40 -9.20
C PRO A 230 -11.07 7.64 -9.65
N SER A 231 -10.87 6.66 -10.53
CA SER A 231 -12.01 5.82 -10.92
C SER A 231 -11.69 4.33 -10.95
N ARG A 232 -10.43 3.95 -10.66
CA ARG A 232 -10.03 2.55 -10.66
C ARG A 232 -9.02 2.36 -9.57
N ILE A 233 -9.03 1.14 -9.01
CA ILE A 233 -7.95 0.69 -8.13
C ILE A 233 -7.12 -0.30 -8.95
N VAL A 234 -5.79 -0.17 -8.81
CA VAL A 234 -4.85 -1.07 -9.43
C VAL A 234 -3.87 -1.56 -8.36
N VAL A 235 -3.72 -2.88 -8.29
CA VAL A 235 -2.83 -3.51 -7.34
C VAL A 235 -1.87 -4.39 -8.11
N ILE A 236 -0.56 -4.23 -7.86
CA ILE A 236 0.44 -5.09 -8.48
C ILE A 236 1.40 -5.54 -7.37
N TYR A 237 1.72 -6.85 -7.33
CA TYR A 237 2.79 -7.37 -6.47
C TYR A 237 3.68 -8.28 -7.26
N THR A 238 4.94 -8.38 -6.84
CA THR A 238 5.79 -9.41 -7.40
C THR A 238 6.72 -9.90 -6.30
N THR A 239 7.12 -11.15 -6.39
CA THR A 239 8.15 -11.64 -5.53
C THR A 239 8.98 -12.66 -6.33
N GLY A 240 10.22 -12.84 -5.87
CA GLY A 240 11.15 -13.81 -6.47
C GLY A 240 12.10 -13.35 -7.56
N SER A 241 12.02 -12.10 -7.97
CA SER A 241 12.87 -11.67 -9.08
C SER A 241 14.27 -11.33 -8.59
N GLN A 242 15.26 -11.68 -9.42
CA GLN A 242 16.63 -11.19 -9.23
C GLN A 242 16.99 -10.05 -10.19
N ALA A 243 16.01 -9.53 -10.93
CA ALA A 243 16.23 -8.38 -11.79
C ALA A 243 16.58 -7.14 -10.98
N THR A 244 17.28 -6.19 -11.62
CA THR A 244 17.66 -4.95 -10.94
C THR A 244 16.45 -4.00 -10.88
N MET A 245 16.69 -2.72 -11.16
CA MET A 245 15.58 -1.82 -11.26
C MET A 245 15.29 -1.45 -12.71
N ASP A 246 16.33 -1.44 -13.54
CA ASP A 246 16.20 -1.13 -14.96
C ASP A 246 15.15 -2.02 -15.58
N GLU A 247 15.37 -3.33 -15.44
CA GLU A 247 14.49 -4.33 -16.03
C GLU A 247 13.10 -4.27 -15.35
N ARG A 248 13.08 -4.10 -14.04
CA ARG A 248 11.83 -4.01 -13.30
C ARG A 248 11.03 -2.83 -13.75
N ASN A 249 11.69 -1.69 -13.82
CA ASN A 249 10.99 -0.46 -14.17
C ASN A 249 10.52 -0.45 -15.62
N ARG A 250 11.29 -1.03 -16.52
CA ARG A 250 10.81 -1.26 -17.89
C ARG A 250 9.52 -2.10 -17.91
N GLN A 251 9.45 -3.11 -17.03
CA GLN A 251 8.24 -3.96 -16.91
C GLN A 251 7.00 -3.24 -16.42
N ILE A 252 7.07 -2.50 -15.32
CA ILE A 252 5.95 -1.65 -14.93
C ILE A 252 5.54 -0.58 -15.95
N ALA A 253 6.52 -0.03 -16.66
CA ALA A 253 6.30 0.94 -17.72
C ALA A 253 5.36 0.30 -18.74
N GLU A 254 5.64 -0.95 -19.09
CA GLU A 254 4.92 -1.64 -20.10
C GLU A 254 3.48 -1.94 -19.65
N ILE A 255 3.36 -2.44 -18.40
CA ILE A 255 2.02 -2.71 -17.80
C ILE A 255 1.21 -1.41 -17.71
N GLY A 256 1.84 -0.33 -17.21
CA GLY A 256 1.15 0.94 -17.04
C GLY A 256 0.75 1.56 -18.36
N ALA A 257 1.65 1.50 -19.34
CA ALA A 257 1.31 1.98 -20.64
C ALA A 257 0.09 1.27 -21.18
N SER A 258 -0.02 -0.03 -20.94
CA SER A 258 -1.17 -0.77 -21.46
C SER A 258 -2.44 -0.46 -20.72
N LEU A 259 -2.35 -0.36 -19.40
CA LEU A 259 -3.47 0.04 -18.56
C LEU A 259 -4.06 1.37 -19.09
N ILE A 260 -3.19 2.33 -19.39
CA ILE A 260 -3.70 3.62 -19.84
C ILE A 260 -4.22 3.52 -21.29
N LYS A 261 -3.46 2.87 -22.17
CA LYS A 261 -3.86 2.74 -23.60
C LYS A 261 -5.27 2.16 -23.73
N HIS A 262 -5.55 1.17 -22.89
CA HIS A 262 -6.83 0.45 -22.97
C HIS A 262 -7.87 0.90 -21.94
N TRP A 263 -7.63 2.03 -21.27
CA TRP A 263 -8.51 2.49 -20.21
C TRP A 263 -9.98 2.51 -20.63
N8 FTA B . 0.83 3.97 -14.39
C24 FTA B . 0.80 2.98 -13.36
C26 FTA B . 1.61 1.87 -13.41
C28 FTA B . 1.40 0.87 -12.47
C30 FTA B . 0.43 0.95 -11.49
C29 FTA B . -0.35 2.07 -11.43
C27 FTA B . -0.15 3.08 -12.36
C7 FTA B . 1.73 3.97 -15.50
C6 FTA B . 1.34 4.37 -16.77
C4 FTA B . 2.26 4.57 -17.81
C5 FTA B . 3.07 3.73 -15.27
C3 FTA B . 4.00 3.92 -16.29
C2 FTA B . 3.61 4.35 -17.56
N1 FTA B . 4.63 4.73 -18.48
C17 FTA B . 5.62 3.94 -18.91
C14 FTA B . 6.21 4.21 -20.08
C18 FTA B . 7.65 4.35 -20.16
N21 FTA B . 8.81 4.49 -20.07
C13 FTA B . 5.38 4.34 -21.30
N15 FTA B . 5.70 3.90 -22.58
N19 FTA B . 4.68 4.27 -23.43
N20 FTA B . 3.70 4.94 -22.70
N16 FTA B . 4.13 4.98 -21.38
N8 FTA C . -7.14 -14.21 -18.87
C24 FTA C . -7.61 -13.71 -20.12
C26 FTA C . -6.85 -13.74 -21.29
C28 FTA C . -7.40 -13.21 -22.46
C30 FTA C . -8.68 -12.68 -22.50
C29 FTA C . -9.42 -12.65 -21.32
C27 FTA C . -8.88 -13.15 -20.13
C7 FTA C . -5.86 -14.81 -18.58
C6 FTA C . -4.81 -14.79 -19.49
C4 FTA C . -3.59 -15.37 -19.16
C5 FTA C . -5.69 -15.39 -17.33
C3 FTA C . -4.47 -15.97 -16.98
C2 FTA C . -3.41 -15.96 -17.91
N1 FTA C . -2.21 -16.65 -17.58
C17 FTA C . -1.19 -16.64 -18.47
C14 FTA C . -0.02 -17.22 -18.17
C18 FTA C . 1.04 -17.29 -19.13
N21 FTA C . 1.89 -17.33 -19.92
C13 FTA C . 0.17 -17.89 -16.85
N15 FTA C . 1.37 -18.50 -16.51
N19 FTA C . 1.17 -19.08 -15.27
N20 FTA C . -0.13 -18.83 -14.82
N16 FTA C . -0.72 -18.08 -15.81
#